data_1YTB
#
_entry.id   1YTB
#
_cell.length_a   100.770
_cell.length_b   100.770
_cell.length_c   66.500
_cell.angle_alpha   90.00
_cell.angle_beta   90.00
_cell.angle_gamma   90.00
#
_symmetry.space_group_name_H-M   'P 43'
#
loop_
_entity.id
_entity.type
_entity.pdbx_description
1 polymer 'DNA (29MER)'
2 polymer 'PROTEIN (TATA BINDING PROTEIN (TBP))'
3 water water
#
loop_
_entity_poly.entity_id
_entity_poly.type
_entity_poly.pdbx_seq_one_letter_code
_entity_poly.pdbx_strand_id
1 'polydeoxyribonucleotide'
;(DG)(DT)(DA)(DT)(DA)(DT)(DA)(DA)(DA)(DA)(DC)(DG)(DG)(DG)(DT)(DG)(DG)(DC)(DG)(DT)
(DT)(DT)(DT)(DA)(DT)(DA)(DT)(DA)(DC)
;
C,D
2 'polypeptide(L)'
;SGIVPTLQNIVATVTLGCRLDLKTVALHARNAEYNPKRFAAVIMRIREPKTTALIFASGKMVVTGAKSEDDSKLASRKYA
RIIQKIGFAAKFTDFKIQNIVGSCDVKFPIRLEGLAFSHGTFSSYEPELFPGLIYRMVKPKIVLLIFVSGKIVLTGAKQR
EEIYQAFEAIYPVLSEFRKM
;
A,B
#
# COMPACT_ATOMS: atom_id res chain seq x y z
N SER C 1 -34.63 20.23 -1.61
CA SER C 1 -33.75 19.04 -1.38
C SER C 1 -34.35 18.19 -0.24
N GLY C 2 -33.52 17.83 0.73
CA GLY C 2 -33.98 17.01 1.83
C GLY C 2 -33.45 15.59 1.71
N ILE C 3 -33.01 15.26 0.50
CA ILE C 3 -32.50 13.94 0.19
C ILE C 3 -31.05 13.84 0.61
N VAL C 4 -30.71 12.69 1.19
CA VAL C 4 -29.36 12.39 1.65
C VAL C 4 -29.12 11.00 1.08
N PRO C 5 -27.96 10.75 0.43
CA PRO C 5 -27.68 9.44 -0.15
C PRO C 5 -27.61 8.25 0.83
N THR C 6 -28.05 7.07 0.40
CA THR C 6 -28.00 5.88 1.22
C THR C 6 -26.75 5.07 0.85
N LEU C 7 -25.99 4.61 1.83
CA LEU C 7 -24.81 3.81 1.51
C LEU C 7 -25.30 2.40 1.14
N GLN C 8 -24.70 1.84 0.08
CA GLN C 8 -25.09 0.53 -0.45
C GLN C 8 -24.07 -0.57 -0.39
N ASN C 9 -22.78 -0.21 -0.44
CA ASN C 9 -21.72 -1.20 -0.39
C ASN C 9 -20.41 -0.57 0.05
N ILE C 10 -19.70 -1.26 0.95
CA ILE C 10 -18.41 -0.80 1.47
C ILE C 10 -17.38 -1.92 1.23
N VAL C 11 -16.26 -1.58 0.62
CA VAL C 11 -15.18 -2.54 0.30
C VAL C 11 -13.96 -2.23 1.15
N ALA C 12 -13.40 -3.21 1.86
CA ALA C 12 -12.24 -2.93 2.70
C ALA C 12 -11.13 -3.96 2.59
N THR C 13 -9.92 -3.57 3.00
CA THR C 13 -8.80 -4.50 2.96
C THR C 13 -8.23 -4.70 4.38
N VAL C 14 -7.72 -5.90 4.63
CA VAL C 14 -7.16 -6.26 5.94
C VAL C 14 -5.94 -7.15 5.75
N THR C 15 -4.89 -6.89 6.52
CA THR C 15 -3.70 -7.70 6.43
C THR C 15 -3.72 -8.64 7.62
N LEU C 16 -3.71 -9.95 7.35
CA LEU C 16 -3.73 -10.96 8.42
C LEU C 16 -2.32 -11.20 8.97
N GLY C 17 -1.31 -10.87 8.16
CA GLY C 17 0.07 -11.00 8.59
C GLY C 17 0.77 -12.33 8.52
N CYS C 18 0.09 -13.37 8.05
CA CYS C 18 0.70 -14.68 7.96
C CYS C 18 0.20 -15.38 6.72
N ARG C 19 0.98 -16.34 6.23
CA ARG C 19 0.62 -17.12 5.07
C ARG C 19 -0.47 -18.10 5.42
N LEU C 20 -1.33 -18.38 4.47
CA LEU C 20 -2.44 -19.31 4.69
C LEU C 20 -2.47 -20.48 3.72
N ASP C 21 -2.94 -21.63 4.23
CA ASP C 21 -3.12 -22.81 3.39
C ASP C 21 -4.59 -22.77 3.03
N LEU C 22 -4.86 -22.38 1.79
CA LEU C 22 -6.23 -22.22 1.32
C LEU C 22 -7.12 -23.44 1.33
N LYS C 23 -6.56 -24.62 1.11
CA LYS C 23 -7.38 -25.83 1.13
C LYS C 23 -7.85 -26.04 2.57
N THR C 24 -6.95 -25.78 3.52
CA THR C 24 -7.21 -25.92 4.93
C THR C 24 -8.28 -24.94 5.37
N VAL C 25 -8.12 -23.70 4.93
CA VAL C 25 -9.05 -22.65 5.25
C VAL C 25 -10.46 -23.00 4.74
N ALA C 26 -10.53 -23.34 3.45
CA ALA C 26 -11.79 -23.68 2.79
C ALA C 26 -12.45 -24.88 3.43
N LEU C 27 -11.63 -25.85 3.83
CA LEU C 27 -12.08 -27.07 4.45
C LEU C 27 -12.64 -26.82 5.84
N HIS C 28 -11.99 -25.99 6.63
CA HIS C 28 -12.45 -25.76 7.97
C HIS C 28 -13.49 -24.71 8.20
N ALA C 29 -13.61 -23.76 7.28
CA ALA C 29 -14.61 -22.71 7.41
C ALA C 29 -16.03 -23.28 7.19
N ARG C 30 -17.01 -22.73 7.91
CA ARG C 30 -18.41 -23.17 7.79
C ARG C 30 -19.05 -22.76 6.46
N ASN C 31 -18.63 -21.61 5.93
CA ASN C 31 -19.23 -21.08 4.71
C ASN C 31 -18.13 -20.62 3.73
N ALA C 32 -17.45 -21.58 3.13
CA ALA C 32 -16.38 -21.27 2.20
C ALA C 32 -16.53 -21.96 0.85
N GLU C 33 -15.90 -21.35 -0.16
CA GLU C 33 -15.86 -21.82 -1.56
C GLU C 33 -14.39 -21.67 -1.91
N TYR C 34 -13.88 -22.59 -2.72
CA TYR C 34 -12.49 -22.52 -3.18
C TYR C 34 -12.24 -23.40 -4.39
N ASN C 35 -12.09 -22.77 -5.54
CA ASN C 35 -11.80 -23.50 -6.77
C ASN C 35 -10.60 -22.77 -7.37
N PRO C 36 -9.37 -23.24 -7.08
CA PRO C 36 -8.06 -22.72 -7.53
C PRO C 36 -8.05 -22.39 -9.02
N LYS C 37 -8.70 -23.23 -9.81
CA LYS C 37 -8.81 -23.10 -11.26
C LYS C 37 -9.59 -21.87 -11.75
N ARG C 38 -10.49 -21.35 -10.93
CA ARG C 38 -11.31 -20.19 -11.28
C ARG C 38 -10.74 -18.87 -10.71
N PHE C 39 -10.44 -18.86 -9.41
CA PHE C 39 -9.90 -17.67 -8.75
C PHE C 39 -9.02 -18.13 -7.61
N ALA C 40 -7.92 -17.42 -7.40
CA ALA C 40 -6.96 -17.76 -6.36
C ALA C 40 -7.24 -17.20 -4.99
N ALA C 41 -8.39 -17.54 -4.43
CA ALA C 41 -8.79 -17.05 -3.10
C ALA C 41 -9.95 -17.88 -2.60
N VAL C 42 -10.07 -17.97 -1.28
CA VAL C 42 -11.18 -18.66 -0.68
C VAL C 42 -12.23 -17.57 -0.57
N ILE C 43 -13.45 -17.91 -0.96
CA ILE C 43 -14.54 -16.97 -0.89
C ILE C 43 -15.30 -17.44 0.33
N MET C 44 -15.10 -16.72 1.43
CA MET C 44 -15.74 -17.03 2.71
C MET C 44 -16.87 -16.02 3.01
N ARG C 45 -17.90 -16.47 3.72
CA ARG C 45 -19.04 -15.62 4.06
C ARG C 45 -19.50 -15.81 5.49
N ILE C 46 -20.08 -14.76 6.07
CA ILE C 46 -20.62 -14.81 7.43
C ILE C 46 -22.02 -14.21 7.37
N ARG C 47 -22.89 -14.61 8.29
CA ARG C 47 -24.25 -14.12 8.24
C ARG C 47 -24.48 -12.77 8.88
N GLU C 48 -23.67 -12.42 9.88
CA GLU C 48 -23.85 -11.14 10.54
C GLU C 48 -22.54 -10.46 10.93
N PRO C 49 -22.23 -9.31 10.30
CA PRO C 49 -23.02 -8.62 9.27
C PRO C 49 -22.87 -9.40 7.97
N LYS C 50 -23.93 -9.46 7.16
CA LYS C 50 -23.90 -10.18 5.89
C LYS C 50 -22.83 -9.59 4.97
N THR C 51 -21.75 -10.34 4.76
CA THR C 51 -20.64 -9.89 3.94
C THR C 51 -20.02 -11.10 3.25
N THR C 52 -19.02 -10.81 2.41
CA THR C 52 -18.26 -11.80 1.66
C THR C 52 -16.79 -11.35 1.76
N ALA C 53 -15.90 -12.32 1.97
CA ALA C 53 -14.45 -12.06 2.07
C ALA C 53 -13.72 -12.86 1.02
N LEU C 54 -12.67 -12.25 0.45
CA LEU C 54 -11.82 -12.90 -0.54
C LEU C 54 -10.52 -13.06 0.23
N ILE C 55 -10.20 -14.31 0.56
CA ILE C 55 -8.99 -14.64 1.35
C ILE C 55 -7.86 -15.25 0.53
N PHE C 56 -6.71 -14.58 0.54
CA PHE C 56 -5.55 -14.99 -0.21
C PHE C 56 -4.45 -15.72 0.57
N ALA C 57 -3.62 -16.47 -0.14
CA ALA C 57 -2.52 -17.23 0.49
C ALA C 57 -1.50 -16.33 1.21
N SER C 58 -1.35 -15.10 0.72
CA SER C 58 -0.40 -14.14 1.28
C SER C 58 -0.88 -13.68 2.64
N GLY C 59 -2.15 -13.94 2.93
CA GLY C 59 -2.71 -13.52 4.19
C GLY C 59 -3.48 -12.22 4.05
N LYS C 60 -3.53 -11.67 2.84
CA LYS C 60 -4.26 -10.43 2.61
C LYS C 60 -5.72 -10.83 2.40
N MET C 61 -6.63 -9.94 2.76
CA MET C 61 -8.03 -10.24 2.65
C MET C 61 -8.80 -9.02 2.19
N VAL C 62 -9.78 -9.24 1.31
CA VAL C 62 -10.67 -8.16 0.84
C VAL C 62 -12.04 -8.49 1.42
N VAL C 63 -12.68 -7.53 2.08
CA VAL C 63 -14.02 -7.74 2.65
C VAL C 63 -15.02 -6.79 1.96
N THR C 64 -16.10 -7.34 1.42
CA THR C 64 -17.07 -6.52 0.70
C THR C 64 -18.53 -6.85 1.02
N GLY C 65 -19.45 -5.97 0.66
CA GLY C 65 -20.86 -6.23 0.90
C GLY C 65 -21.51 -5.53 2.07
N ALA C 66 -20.71 -4.91 2.92
CA ALA C 66 -21.24 -4.20 4.07
C ALA C 66 -21.97 -2.92 3.67
N LYS C 67 -22.94 -2.49 4.47
CA LYS C 67 -23.71 -1.26 4.20
C LYS C 67 -23.29 -0.11 5.10
N SER C 68 -22.40 -0.37 6.05
CA SER C 68 -21.91 0.68 6.94
C SER C 68 -20.46 0.40 7.28
N GLU C 69 -19.73 1.45 7.64
CA GLU C 69 -18.31 1.38 8.00
C GLU C 69 -18.09 0.52 9.25
N ASP C 70 -19.06 0.57 10.14
CA ASP C 70 -19.11 -0.17 11.41
C ASP C 70 -19.22 -1.63 11.08
N ASP C 71 -20.16 -1.94 10.19
CA ASP C 71 -20.38 -3.31 9.79
C ASP C 71 -19.18 -3.88 9.10
N SER C 72 -18.47 -3.05 8.34
CA SER C 72 -17.27 -3.47 7.63
C SER C 72 -16.16 -3.90 8.59
N LYS C 73 -15.85 -3.08 9.58
CA LYS C 73 -14.80 -3.39 10.56
C LYS C 73 -15.20 -4.59 11.42
N LEU C 74 -16.48 -4.65 11.77
CA LEU C 74 -17.04 -5.75 12.57
C LEU C 74 -16.87 -7.08 11.86
N ALA C 75 -17.36 -7.15 10.64
CA ALA C 75 -17.28 -8.36 9.84
C ALA C 75 -15.82 -8.73 9.58
N SER C 76 -14.95 -7.75 9.38
CA SER C 76 -13.52 -7.99 9.16
C SER C 76 -12.87 -8.64 10.39
N ARG C 77 -13.17 -8.12 11.58
CA ARG C 77 -12.61 -8.70 12.79
C ARG C 77 -13.11 -10.16 12.86
N LYS C 78 -14.39 -10.38 12.54
CA LYS C 78 -14.96 -11.72 12.58
C LYS C 78 -14.27 -12.71 11.67
N TYR C 79 -13.92 -12.27 10.46
CA TYR C 79 -13.26 -13.15 9.52
C TYR C 79 -11.89 -13.49 10.06
N ALA C 80 -11.22 -12.51 10.65
CA ALA C 80 -9.88 -12.71 11.22
C ALA C 80 -9.93 -13.77 12.36
N ARG C 81 -10.96 -13.69 13.20
CA ARG C 81 -11.12 -14.64 14.31
C ARG C 81 -11.28 -16.06 13.77
N ILE C 82 -12.03 -16.22 12.67
CA ILE C 82 -12.25 -17.53 12.03
C ILE C 82 -10.91 -18.09 11.59
N ILE C 83 -10.08 -17.27 10.96
CA ILE C 83 -8.77 -17.73 10.52
C ILE C 83 -7.96 -18.21 11.74
N GLN C 84 -8.01 -17.45 12.83
CA GLN C 84 -7.30 -17.79 14.07
C GLN C 84 -7.80 -19.14 14.62
N LYS C 85 -9.12 -19.28 14.65
CA LYS C 85 -9.76 -20.47 15.16
C LYS C 85 -9.38 -21.69 14.36
N ILE C 86 -9.09 -21.50 13.08
CA ILE C 86 -8.68 -22.59 12.21
C ILE C 86 -7.20 -22.93 12.53
N GLY C 87 -6.51 -22.02 13.20
CA GLY C 87 -5.15 -22.30 13.59
C GLY C 87 -3.97 -21.51 13.09
N PHE C 88 -4.19 -20.45 12.33
CA PHE C 88 -3.06 -19.68 11.82
C PHE C 88 -2.71 -18.52 12.76
N ALA C 89 -1.47 -18.04 12.68
CA ALA C 89 -1.03 -16.93 13.53
C ALA C 89 -1.42 -15.56 12.90
N ALA C 90 -2.72 -15.41 12.64
CA ALA C 90 -3.25 -14.22 12.03
C ALA C 90 -3.43 -13.09 13.04
N LYS C 91 -3.39 -11.87 12.54
CA LYS C 91 -3.55 -10.67 13.33
C LYS C 91 -4.46 -9.71 12.56
N PHE C 92 -5.36 -9.03 13.25
CA PHE C 92 -6.23 -8.07 12.59
C PHE C 92 -5.48 -6.74 12.45
N THR C 93 -4.93 -6.48 11.27
CA THR C 93 -4.23 -5.23 11.05
C THR C 93 -4.58 -4.55 9.74
N ASP C 94 -4.17 -3.29 9.68
CA ASP C 94 -4.34 -2.46 8.52
C ASP C 94 -5.72 -2.34 7.91
N PHE C 95 -6.75 -2.40 8.74
CA PHE C 95 -8.10 -2.23 8.25
C PHE C 95 -8.24 -0.87 7.57
N LYS C 96 -8.66 -0.88 6.29
CA LYS C 96 -8.82 0.35 5.53
C LYS C 96 -9.92 0.20 4.51
N ILE C 97 -10.85 1.15 4.51
CA ILE C 97 -11.97 1.18 3.56
C ILE C 97 -11.41 1.76 2.27
N GLN C 98 -11.59 1.05 1.16
CA GLN C 98 -11.07 1.45 -0.16
C GLN C 98 -12.10 2.05 -1.11
N ASN C 99 -13.37 1.67 -0.92
CA ASN C 99 -14.44 2.12 -1.77
C ASN C 99 -15.80 2.10 -1.03
N ILE C 100 -16.56 3.19 -1.24
CA ILE C 100 -17.90 3.36 -0.68
C ILE C 100 -18.83 3.74 -1.86
N VAL C 101 -19.96 3.05 -1.94
CA VAL C 101 -20.96 3.25 -2.96
C VAL C 101 -22.24 3.78 -2.29
N GLY C 102 -22.87 4.79 -2.89
CA GLY C 102 -24.10 5.32 -2.34
C GLY C 102 -25.12 5.55 -3.44
N SER C 103 -26.39 5.69 -3.08
CA SER C 103 -27.41 5.96 -4.08
C SER C 103 -28.59 6.71 -3.49
N CYS C 104 -29.32 7.41 -4.36
CA CYS C 104 -30.53 8.13 -3.97
C CYS C 104 -31.45 8.40 -5.17
N ASP C 105 -32.58 9.07 -4.87
CA ASP C 105 -33.59 9.36 -5.86
C ASP C 105 -33.99 10.82 -5.72
N VAL C 106 -33.85 11.60 -6.80
CA VAL C 106 -34.22 13.03 -6.72
C VAL C 106 -35.68 13.28 -6.98
N LYS C 107 -36.38 12.24 -7.42
CA LYS C 107 -37.81 12.27 -7.67
C LYS C 107 -38.33 13.02 -8.92
N PHE C 108 -37.44 13.29 -9.87
CA PHE C 108 -37.82 13.93 -11.13
C PHE C 108 -36.94 13.39 -12.23
N PRO C 109 -37.43 13.40 -13.50
CA PRO C 109 -36.67 12.91 -14.65
C PRO C 109 -35.61 13.92 -15.03
N ILE C 110 -34.52 13.44 -15.62
CA ILE C 110 -33.39 14.28 -16.02
C ILE C 110 -33.10 14.23 -17.51
N ARG C 111 -32.71 15.38 -18.08
CA ARG C 111 -32.36 15.51 -19.49
C ARG C 111 -30.85 15.23 -19.64
N LEU C 112 -30.50 13.96 -19.83
CA LEU C 112 -29.10 13.56 -19.91
C LEU C 112 -28.30 14.16 -21.02
N GLU C 113 -28.93 14.33 -22.19
CA GLU C 113 -28.25 14.88 -23.35
C GLU C 113 -27.89 16.37 -23.14
N GLY C 114 -28.78 17.11 -22.47
CA GLY C 114 -28.54 18.51 -22.19
C GLY C 114 -27.41 18.64 -21.20
N LEU C 115 -27.45 17.82 -20.15
CA LEU C 115 -26.43 17.79 -19.11
C LEU C 115 -25.07 17.42 -19.71
N ALA C 116 -25.04 16.41 -20.57
CA ALA C 116 -23.80 15.97 -21.21
C ALA C 116 -23.20 17.08 -22.08
N PHE C 117 -24.06 17.87 -22.72
CA PHE C 117 -23.62 18.96 -23.59
C PHE C 117 -23.07 20.11 -22.74
N SER C 118 -23.79 20.42 -21.66
CA SER C 118 -23.41 21.48 -20.74
C SER C 118 -22.17 21.16 -19.89
N HIS C 119 -22.10 19.94 -19.39
CA HIS C 119 -20.98 19.54 -18.57
C HIS C 119 -20.12 18.52 -19.30
N GLY C 120 -19.89 18.83 -20.56
CA GLY C 120 -19.12 17.96 -21.44
C GLY C 120 -17.78 17.44 -20.99
N THR C 121 -16.95 18.26 -20.34
CA THR C 121 -15.65 17.77 -19.93
C THR C 121 -15.65 16.77 -18.80
N PHE C 122 -16.73 16.75 -18.02
CA PHE C 122 -16.84 15.81 -16.89
C PHE C 122 -17.76 14.63 -17.23
N SER C 123 -18.59 14.81 -18.26
CA SER C 123 -19.56 13.83 -18.67
C SER C 123 -19.19 12.89 -19.79
N SER C 124 -19.84 11.74 -19.77
CA SER C 124 -19.67 10.73 -20.77
C SER C 124 -21.05 10.09 -20.86
N TYR C 125 -21.63 10.14 -22.04
CA TYR C 125 -22.97 9.62 -22.24
C TYR C 125 -23.09 8.99 -23.61
N GLU C 126 -23.28 7.68 -23.62
CA GLU C 126 -23.45 6.89 -24.84
C GLU C 126 -24.58 5.91 -24.48
N PRO C 127 -25.86 6.37 -24.58
CA PRO C 127 -27.10 5.63 -24.27
C PRO C 127 -27.28 4.27 -24.96
N GLU C 128 -26.58 4.08 -26.07
CA GLU C 128 -26.66 2.81 -26.76
C GLU C 128 -25.68 1.84 -26.10
N LEU C 129 -24.65 2.36 -25.45
CA LEU C 129 -23.66 1.51 -24.79
C LEU C 129 -24.07 1.22 -23.35
N PHE C 130 -24.53 2.25 -22.67
CA PHE C 130 -24.97 2.15 -21.29
C PHE C 130 -25.94 3.35 -21.15
N PRO C 131 -27.15 3.12 -20.60
CA PRO C 131 -28.17 4.17 -20.44
C PRO C 131 -27.91 5.34 -19.49
N GLY C 132 -26.94 5.20 -18.57
CA GLY C 132 -26.67 6.28 -17.63
C GLY C 132 -25.52 7.17 -18.04
N LEU C 133 -25.55 8.40 -17.53
CA LEU C 133 -24.51 9.37 -17.79
C LEU C 133 -23.40 9.19 -16.72
N ILE C 134 -22.14 9.12 -17.14
CA ILE C 134 -21.04 8.97 -16.21
C ILE C 134 -20.41 10.33 -15.99
N TYR C 135 -20.58 10.84 -14.78
CA TYR C 135 -20.08 12.15 -14.41
C TYR C 135 -18.88 12.02 -13.48
N ARG C 136 -17.74 12.53 -13.94
CA ARG C 136 -16.49 12.47 -13.18
C ARG C 136 -16.19 13.81 -12.50
N MET C 137 -16.60 13.91 -11.23
CA MET C 137 -16.42 15.11 -10.43
C MET C 137 -14.97 15.32 -10.02
N VAL C 138 -14.53 16.58 -10.08
CA VAL C 138 -13.17 16.96 -9.70
C VAL C 138 -12.99 17.03 -8.17
N LYS C 139 -13.79 17.85 -7.49
CA LYS C 139 -13.69 17.97 -6.03
C LYS C 139 -15.09 17.88 -5.37
N PRO C 140 -15.36 16.77 -4.64
CA PRO C 140 -14.47 15.64 -4.43
C PRO C 140 -14.35 14.75 -5.68
N LYS C 141 -13.31 13.95 -5.75
CA LYS C 141 -13.11 13.04 -6.89
C LYS C 141 -14.00 11.81 -6.71
N ILE C 142 -15.21 11.95 -7.24
CA ILE C 142 -16.25 10.93 -7.15
C ILE C 142 -16.84 10.76 -8.54
N VAL C 143 -17.26 9.52 -8.82
CA VAL C 143 -17.91 9.18 -10.10
C VAL C 143 -19.40 8.98 -9.83
N LEU C 144 -20.24 9.66 -10.60
CA LEU C 144 -21.67 9.53 -10.46
C LEU C 144 -22.30 8.96 -11.73
N LEU C 145 -23.26 8.04 -11.56
CA LEU C 145 -23.99 7.46 -12.68
C LEU C 145 -25.37 8.13 -12.58
N ILE C 146 -25.74 8.89 -13.59
CA ILE C 146 -27.00 9.61 -13.58
C ILE C 146 -28.00 9.03 -14.60
N PHE C 147 -29.19 8.72 -14.12
CA PHE C 147 -30.19 8.11 -14.97
C PHE C 147 -31.42 9.01 -15.24
N VAL C 148 -32.05 8.79 -16.41
CA VAL C 148 -33.22 9.55 -16.84
C VAL C 148 -34.31 9.59 -15.77
N SER C 149 -34.45 8.48 -15.05
CA SER C 149 -35.45 8.33 -14.00
C SER C 149 -35.23 9.24 -12.78
N GLY C 150 -34.00 9.71 -12.61
CA GLY C 150 -33.70 10.53 -11.45
C GLY C 150 -32.97 9.73 -10.37
N LYS C 151 -32.72 8.45 -10.63
CA LYS C 151 -31.97 7.63 -9.66
C LYS C 151 -30.49 8.01 -9.86
N ILE C 152 -29.74 8.14 -8.76
CA ILE C 152 -28.32 8.52 -8.82
C ILE C 152 -27.44 7.53 -8.07
N VAL C 153 -26.29 7.19 -8.66
CA VAL C 153 -25.30 6.31 -8.04
C VAL C 153 -23.99 7.11 -7.88
N LEU C 154 -23.38 7.06 -6.69
CA LEU C 154 -22.14 7.77 -6.38
C LEU C 154 -21.16 6.71 -5.89
N THR C 155 -19.94 6.74 -6.41
CA THR C 155 -18.91 5.75 -6.08
C THR C 155 -17.49 6.32 -6.19
N GLY C 156 -16.52 5.57 -5.63
CA GLY C 156 -15.13 5.98 -5.64
C GLY C 156 -14.71 6.71 -4.37
N ALA C 157 -15.60 6.77 -3.38
CA ALA C 157 -15.31 7.47 -2.11
C ALA C 157 -14.52 6.64 -1.10
N LYS C 158 -13.65 7.31 -0.35
CA LYS C 158 -12.84 6.71 0.70
C LYS C 158 -13.47 7.07 2.06
N GLN C 159 -14.26 8.14 2.07
CA GLN C 159 -14.95 8.62 3.27
C GLN C 159 -16.39 9.01 2.93
N ARG C 160 -17.30 8.73 3.85
CA ARG C 160 -18.72 9.04 3.71
C ARG C 160 -19.05 10.48 3.30
N GLU C 161 -18.29 11.44 3.83
CA GLU C 161 -18.53 12.87 3.53
C GLU C 161 -18.40 13.19 2.05
N GLU C 162 -17.53 12.45 1.36
CA GLU C 162 -17.31 12.65 -0.07
C GLU C 162 -18.58 12.28 -0.85
N ILE C 163 -19.27 11.23 -0.43
CA ILE C 163 -20.53 10.83 -1.06
C ILE C 163 -21.52 12.00 -0.85
N TYR C 164 -21.60 12.46 0.39
CA TYR C 164 -22.51 13.54 0.74
C TYR C 164 -22.15 14.85 0.02
N GLN C 165 -20.85 15.12 -0.09
CA GLN C 165 -20.34 16.33 -0.73
C GLN C 165 -20.71 16.40 -2.20
N ALA C 166 -20.47 15.30 -2.90
CA ALA C 166 -20.74 15.17 -4.32
C ALA C 166 -22.22 15.37 -4.65
N PHE C 167 -23.10 14.74 -3.88
CA PHE C 167 -24.53 14.90 -4.13
C PHE C 167 -24.96 16.36 -3.95
N GLU C 168 -24.48 17.00 -2.89
CA GLU C 168 -24.80 18.40 -2.62
C GLU C 168 -24.35 19.21 -3.81
N ALA C 169 -23.18 18.88 -4.35
CA ALA C 169 -22.65 19.61 -5.50
C ALA C 169 -23.40 19.35 -6.80
N ILE C 170 -23.88 18.12 -6.98
CA ILE C 170 -24.60 17.75 -8.20
C ILE C 170 -26.09 18.17 -8.21
N TYR C 171 -26.75 18.20 -7.05
CA TYR C 171 -28.18 18.54 -6.99
C TYR C 171 -28.66 19.76 -7.80
N PRO C 172 -27.96 20.90 -7.74
CA PRO C 172 -28.37 22.10 -8.50
C PRO C 172 -28.35 21.84 -10.00
N VAL C 173 -27.39 21.03 -10.42
CA VAL C 173 -27.21 20.66 -11.82
C VAL C 173 -28.32 19.75 -12.30
N LEU C 174 -28.69 18.79 -11.45
CA LEU C 174 -29.76 17.86 -11.80
C LEU C 174 -31.04 18.67 -11.91
N SER C 175 -31.23 19.67 -11.03
CA SER C 175 -32.43 20.52 -11.06
C SER C 175 -32.55 21.34 -12.31
N GLU C 176 -31.42 21.86 -12.77
CA GLU C 176 -31.33 22.67 -13.98
C GLU C 176 -31.73 21.84 -15.21
N PHE C 177 -31.51 20.53 -15.15
CA PHE C 177 -31.84 19.65 -16.26
C PHE C 177 -33.00 18.71 -16.08
N ARG C 178 -33.93 19.09 -15.23
CA ARG C 178 -35.15 18.31 -14.97
C ARG C 178 -36.14 18.32 -16.19
N LYS C 179 -37.08 17.38 -16.18
CA LYS C 179 -38.08 17.29 -17.24
C LYS C 179 -39.47 17.75 -16.76
N MET C 180 -39.77 17.54 -15.47
CA MET C 180 -41.04 17.97 -14.85
C MET C 180 -40.79 17.95 -13.34
N SER D 1 33.11 -20.38 2.22
CA SER D 1 32.04 -19.44 2.62
C SER D 1 31.79 -19.56 4.12
N GLY D 2 30.52 -19.57 4.53
CA GLY D 2 30.17 -19.62 5.94
C GLY D 2 29.99 -18.17 6.36
N ILE D 3 29.86 -17.32 5.35
CA ILE D 3 29.70 -15.88 5.53
C ILE D 3 28.25 -15.55 5.31
N VAL D 4 27.69 -14.80 6.24
CA VAL D 4 26.31 -14.36 6.12
C VAL D 4 26.43 -12.81 6.04
N PRO D 5 25.73 -12.19 5.07
CA PRO D 5 25.81 -10.73 4.96
C PRO D 5 25.27 -10.00 6.17
N THR D 6 25.89 -8.86 6.49
CA THR D 6 25.44 -8.01 7.60
C THR D 6 24.49 -6.97 7.01
N LEU D 7 23.32 -6.83 7.62
CA LEU D 7 22.34 -5.85 7.14
C LEU D 7 22.78 -4.47 7.63
N GLN D 8 22.84 -3.52 6.71
CA GLN D 8 23.29 -2.15 7.00
C GLN D 8 22.27 -1.01 6.96
N ASN D 9 21.14 -1.19 6.28
CA ASN D 9 20.14 -0.13 6.18
C ASN D 9 18.85 -0.77 5.74
N ILE D 10 17.74 -0.36 6.37
CA ILE D 10 16.40 -0.87 6.04
C ILE D 10 15.55 0.38 5.85
N VAL D 11 14.88 0.49 4.71
CA VAL D 11 14.00 1.65 4.44
C VAL D 11 12.54 1.15 4.45
N ALA D 12 11.67 1.80 5.23
CA ALA D 12 10.27 1.40 5.30
C ALA D 12 9.27 2.58 5.16
N THR D 13 8.02 2.28 4.79
CA THR D 13 6.98 3.29 4.71
C THR D 13 5.89 2.97 5.74
N VAL D 14 5.27 4.01 6.29
CA VAL D 14 4.22 3.86 7.30
C VAL D 14 3.22 4.95 6.97
N THR D 15 1.94 4.66 7.17
CA THR D 15 0.86 5.61 6.94
C THR D 15 0.35 6.00 8.32
N LEU D 16 0.52 7.24 8.73
CA LEU D 16 0.07 7.64 10.05
C LEU D 16 -1.43 7.86 10.06
N GLY D 17 -2.01 7.97 8.87
CA GLY D 17 -3.45 8.11 8.76
C GLY D 17 -4.15 9.41 9.09
N CYS D 18 -3.45 10.54 9.14
CA CYS D 18 -4.08 11.84 9.40
C CYS D 18 -3.17 12.96 8.88
N ARG D 19 -3.75 14.09 8.47
CA ARG D 19 -2.95 15.22 7.96
C ARG D 19 -2.22 15.89 9.09
N LEU D 20 -1.01 16.33 8.81
CA LEU D 20 -0.20 16.96 9.84
C LEU D 20 0.22 18.39 9.55
N ASP D 21 0.39 19.17 10.62
CA ASP D 21 0.87 20.56 10.53
C ASP D 21 2.36 20.41 10.80
N LEU D 22 3.16 20.48 9.73
CA LEU D 22 4.59 20.29 9.90
C LEU D 22 5.32 21.31 10.78
N LYS D 23 4.91 22.59 10.74
CA LYS D 23 5.53 23.62 11.59
C LYS D 23 5.38 23.19 13.06
N THR D 24 4.17 22.74 13.42
CA THR D 24 3.84 22.30 14.78
C THR D 24 4.66 21.09 15.16
N VAL D 25 4.69 20.13 14.23
CA VAL D 25 5.42 18.88 14.40
C VAL D 25 6.89 19.17 14.64
N ALA D 26 7.46 20.05 13.81
CA ALA D 26 8.85 20.41 13.94
C ALA D 26 9.11 21.16 15.23
N LEU D 27 8.17 22.00 15.62
CA LEU D 27 8.27 22.80 16.81
C LEU D 27 8.32 21.95 18.06
N HIS D 28 7.48 20.92 18.13
CA HIS D 28 7.41 20.06 19.30
C HIS D 28 8.32 18.85 19.38
N ALA D 29 8.74 18.33 18.23
CA ALA D 29 9.64 17.19 18.23
C ALA D 29 10.99 17.68 18.77
N ARG D 30 11.71 16.81 19.46
CA ARG D 30 13.00 17.20 20.05
C ARG D 30 14.15 17.34 19.07
N ASN D 31 14.23 16.43 18.10
CA ASN D 31 15.32 16.42 17.14
C ASN D 31 14.68 16.51 15.76
N ALA D 32 14.35 17.73 15.36
CA ALA D 32 13.69 17.92 14.07
C ALA D 32 14.21 19.08 13.22
N GLU D 33 14.13 18.91 11.90
CA GLU D 33 14.52 19.92 10.93
C GLU D 33 13.32 20.08 10.00
N TYR D 34 13.01 21.32 9.65
CA TYR D 34 11.93 21.61 8.72
C TYR D 34 12.25 22.90 7.95
N ASN D 35 12.53 22.73 6.66
CA ASN D 35 12.84 23.86 5.78
C ASN D 35 12.04 23.63 4.51
N PRO D 36 10.77 24.08 4.50
CA PRO D 36 9.80 23.97 3.41
C PRO D 36 10.28 24.34 2.02
N LYS D 37 10.98 25.45 1.90
CA LYS D 37 11.48 25.85 0.57
C LYS D 37 12.72 25.07 0.16
N ARG D 38 13.07 24.06 0.97
CA ARG D 38 14.22 23.18 0.71
C ARG D 38 13.77 21.71 0.53
N PHE D 39 12.73 21.31 1.25
CA PHE D 39 12.16 19.97 1.20
C PHE D 39 10.83 19.99 1.98
N ALA D 40 9.80 19.36 1.41
CA ALA D 40 8.46 19.34 1.99
C ALA D 40 8.15 18.26 3.02
N ALA D 41 9.03 18.04 3.99
CA ALA D 41 8.81 17.02 5.01
C ALA D 41 9.66 17.40 6.21
N VAL D 42 9.20 17.04 7.40
CA VAL D 42 9.98 17.27 8.63
C VAL D 42 11.00 16.13 8.69
N ILE D 43 12.26 16.45 8.96
CA ILE D 43 13.32 15.46 9.08
C ILE D 43 13.52 15.24 10.56
N MET D 44 12.87 14.18 11.06
CA MET D 44 12.89 13.81 12.46
C MET D 44 13.88 12.66 12.80
N ARG D 45 14.49 12.71 13.99
CA ARG D 45 15.45 11.70 14.42
C ARG D 45 15.32 11.29 15.88
N ILE D 46 15.52 9.99 16.13
CA ILE D 46 15.50 9.45 17.49
C ILE D 46 16.82 8.68 17.65
N ARG D 47 17.24 8.48 18.89
CA ARG D 47 18.51 7.81 19.15
C ARG D 47 18.50 6.31 19.33
N GLU D 48 17.35 5.76 19.71
CA GLU D 48 17.25 4.31 19.89
C GLU D 48 15.88 3.76 19.44
N PRO D 49 15.84 3.04 18.28
CA PRO D 49 16.95 2.68 17.36
C PRO D 49 17.31 3.92 16.55
N LYS D 50 18.61 4.11 16.32
CA LYS D 50 19.10 5.26 15.56
C LYS D 50 18.53 5.27 14.16
N THR D 51 17.64 6.21 13.90
CA THR D 51 16.97 6.31 12.60
C THR D 51 16.59 7.77 12.26
N THR D 52 16.15 7.98 11.03
CA THR D 52 15.72 9.29 10.51
C THR D 52 14.37 9.02 9.86
N ALA D 53 13.38 9.87 10.12
CA ALA D 53 12.08 9.71 9.51
C ALA D 53 11.78 10.96 8.72
N LEU D 54 11.17 10.78 7.55
CA LEU D 54 10.78 11.88 6.68
C LEU D 54 9.28 11.86 6.88
N ILE D 55 8.77 12.90 7.53
CA ILE D 55 7.35 12.97 7.83
C ILE D 55 6.68 14.04 6.96
N PHE D 56 5.74 13.60 6.12
CA PHE D 56 5.02 14.49 5.20
C PHE D 56 3.66 14.96 5.76
N ALA D 57 3.13 16.05 5.22
CA ALA D 57 1.85 16.60 5.69
C ALA D 57 0.64 15.66 5.47
N SER D 58 0.76 14.73 4.54
CA SER D 58 -0.33 13.78 4.26
C SER D 58 -0.41 12.72 5.36
N GLY D 59 0.55 12.74 6.30
CA GLY D 59 0.61 11.76 7.36
C GLY D 59 1.48 10.55 6.96
N LYS D 60 1.94 10.54 5.72
CA LYS D 60 2.78 9.45 5.23
C LYS D 60 4.17 9.69 5.80
N MET D 61 4.89 8.60 6.06
CA MET D 61 6.22 8.66 6.63
C MET D 61 7.17 7.62 6.05
N VAL D 62 8.45 7.99 5.91
CA VAL D 62 9.49 7.09 5.41
C VAL D 62 10.49 7.02 6.57
N VAL D 63 10.78 5.81 7.03
CA VAL D 63 11.74 5.60 8.13
C VAL D 63 12.98 4.90 7.58
N THR D 64 14.16 5.46 7.86
CA THR D 64 15.36 4.89 7.32
C THR D 64 16.53 4.89 8.31
N GLY D 65 17.52 4.03 8.05
CA GLY D 65 18.70 3.98 8.91
C GLY D 65 18.79 2.80 9.84
N ALA D 66 17.72 2.04 9.95
CA ALA D 66 17.72 0.87 10.83
C ALA D 66 18.52 -0.29 10.21
N LYS D 67 18.99 -1.19 11.06
CA LYS D 67 19.74 -2.33 10.58
C LYS D 67 18.97 -3.64 10.75
N SER D 68 17.72 -3.56 11.20
CA SER D 68 16.88 -4.76 11.30
C SER D 68 15.40 -4.42 11.18
N GLU D 69 14.58 -5.37 10.70
CA GLU D 69 13.13 -5.16 10.55
C GLU D 69 12.49 -4.79 11.89
N ASP D 70 12.95 -5.46 12.95
CA ASP D 70 12.44 -5.18 14.28
C ASP D 70 12.77 -3.78 14.69
N ASP D 71 13.98 -3.33 14.36
CA ASP D 71 14.40 -1.97 14.69
C ASP D 71 13.65 -0.94 13.86
N SER D 72 13.40 -1.26 12.59
CA SER D 72 12.67 -0.37 11.69
C SER D 72 11.24 -0.18 12.19
N LYS D 73 10.61 -1.29 12.59
CA LYS D 73 9.23 -1.32 13.08
C LYS D 73 9.11 -0.62 14.43
N LEU D 74 10.08 -0.84 15.31
CA LEU D 74 10.09 -0.21 16.62
C LEU D 74 10.25 1.31 16.45
N ALA D 75 11.20 1.71 15.62
CA ALA D 75 11.46 3.12 15.38
C ALA D 75 10.19 3.80 14.90
N SER D 76 9.56 3.22 13.88
CA SER D 76 8.34 3.76 13.31
C SER D 76 7.28 3.99 14.37
N ARG D 77 7.16 3.03 15.30
CA ARG D 77 6.20 3.09 16.40
C ARG D 77 6.50 4.26 17.34
N LYS D 78 7.80 4.46 17.61
CA LYS D 78 8.23 5.54 18.47
C LYS D 78 7.96 6.89 17.80
N TYR D 79 8.11 6.96 16.48
CA TYR D 79 7.82 8.20 15.76
C TYR D 79 6.31 8.52 15.82
N ALA D 80 5.48 7.49 15.70
CA ALA D 80 4.02 7.62 15.78
C ALA D 80 3.61 8.13 17.19
N ARG D 81 4.30 7.64 18.21
CA ARG D 81 4.07 8.02 19.60
C ARG D 81 4.35 9.51 19.82
N ILE D 82 5.46 10.01 19.28
CA ILE D 82 5.84 11.43 19.38
C ILE D 82 4.80 12.34 18.75
N ILE D 83 4.29 11.94 17.59
CA ILE D 83 3.28 12.70 16.83
C ILE D 83 1.98 12.71 17.63
N GLN D 84 1.66 11.55 18.21
CA GLN D 84 0.46 11.40 19.03
C GLN D 84 0.46 12.36 20.21
N LYS D 85 1.60 12.48 20.86
CA LYS D 85 1.79 13.35 22.01
C LYS D 85 1.47 14.81 21.71
N ILE D 86 1.60 15.20 20.45
CA ILE D 86 1.35 16.57 20.02
C ILE D 86 -0.13 16.85 19.87
N GLY D 87 -0.92 15.80 19.68
CA GLY D 87 -2.34 15.99 19.55
C GLY D 87 -2.91 15.50 18.25
N PHE D 88 -2.06 14.90 17.41
CA PHE D 88 -2.53 14.39 16.13
C PHE D 88 -2.97 12.94 16.26
N ALA D 89 -4.09 12.59 15.62
CA ALA D 89 -4.60 11.23 15.67
C ALA D 89 -3.80 10.30 14.74
N ALA D 90 -2.51 10.19 15.01
CA ALA D 90 -1.62 9.35 14.23
C ALA D 90 -1.70 7.92 14.77
N LYS D 91 -1.56 6.95 13.86
CA LYS D 91 -1.60 5.54 14.22
C LYS D 91 -0.55 4.79 13.41
N PHE D 92 0.08 3.82 14.03
CA PHE D 92 1.09 3.06 13.32
C PHE D 92 0.36 2.07 12.43
N THR D 93 0.32 2.33 11.11
CA THR D 93 -0.29 1.39 10.15
C THR D 93 0.47 1.31 8.84
N ASP D 94 0.12 0.29 8.07
CA ASP D 94 0.70 0.02 6.75
C ASP D 94 2.21 -0.08 6.64
N PHE D 95 2.86 -0.52 7.71
CA PHE D 95 4.29 -0.67 7.68
C PHE D 95 4.72 -1.63 6.55
N LYS D 96 5.66 -1.20 5.73
CA LYS D 96 6.09 -2.03 4.62
C LYS D 96 7.54 -1.70 4.35
N ILE D 97 8.37 -2.73 4.24
CA ILE D 97 9.78 -2.52 3.94
C ILE D 97 9.95 -2.40 2.41
N GLN D 98 10.59 -1.32 1.99
CA GLN D 98 10.80 -1.03 0.59
C GLN D 98 12.21 -1.40 0.08
N ASN D 99 13.20 -1.41 0.96
CA ASN D 99 14.54 -1.71 0.54
C ASN D 99 15.38 -2.12 1.72
N ILE D 100 16.28 -3.08 1.48
CA ILE D 100 17.21 -3.60 2.48
C ILE D 100 18.59 -3.63 1.83
N VAL D 101 19.59 -3.13 2.56
CA VAL D 101 20.96 -3.09 2.07
C VAL D 101 21.82 -3.97 2.95
N GLY D 102 22.68 -4.77 2.35
CA GLY D 102 23.56 -5.64 3.11
C GLY D 102 24.98 -5.55 2.60
N SER D 103 25.94 -6.07 3.37
CA SER D 103 27.32 -6.06 2.93
C SER D 103 28.14 -7.18 3.56
N CYS D 104 29.21 -7.58 2.89
CA CYS D 104 30.10 -8.61 3.42
C CYS D 104 31.47 -8.60 2.75
N ASP D 105 32.39 -9.35 3.34
CA ASP D 105 33.77 -9.44 2.88
C ASP D 105 34.22 -10.91 2.73
N VAL D 106 34.47 -11.31 1.47
CA VAL D 106 34.91 -12.68 1.16
C VAL D 106 36.41 -12.88 1.43
N LYS D 107 37.07 -11.78 1.72
CA LYS D 107 38.49 -11.74 2.05
C LYS D 107 39.54 -11.90 0.93
N PHE D 108 39.17 -12.50 -0.19
CA PHE D 108 40.13 -12.63 -1.31
C PHE D 108 39.83 -11.57 -2.37
N PRO D 109 40.87 -11.04 -3.08
CA PRO D 109 40.66 -10.03 -4.12
C PRO D 109 40.00 -10.61 -5.37
N ILE D 110 39.33 -9.75 -6.14
CA ILE D 110 38.59 -10.18 -7.32
C ILE D 110 39.06 -9.54 -8.63
N ARG D 111 38.95 -10.32 -9.71
CA ARG D 111 39.31 -9.88 -11.06
C ARG D 111 38.00 -9.43 -11.71
N LEU D 112 37.72 -8.12 -11.64
CA LEU D 112 36.47 -7.57 -12.17
C LEU D 112 36.33 -7.51 -13.68
N GLU D 113 37.43 -7.25 -14.38
CA GLU D 113 37.37 -7.18 -15.84
C GLU D 113 37.02 -8.55 -16.41
N GLY D 114 37.52 -9.60 -15.75
CA GLY D 114 37.26 -10.98 -16.15
C GLY D 114 35.83 -11.38 -15.86
N LEU D 115 35.34 -10.91 -14.71
CA LEU D 115 33.99 -11.14 -14.25
C LEU D 115 32.98 -10.38 -15.16
N ALA D 116 33.41 -9.22 -15.66
CA ALA D 116 32.59 -8.38 -16.52
C ALA D 116 32.32 -8.99 -17.89
N PHE D 117 33.38 -9.52 -18.52
CA PHE D 117 33.28 -10.13 -19.86
C PHE D 117 32.42 -11.41 -19.86
N SER D 118 32.64 -12.26 -18.86
CA SER D 118 31.89 -13.51 -18.76
C SER D 118 30.44 -13.33 -18.41
N HIS D 119 30.09 -12.17 -17.85
CA HIS D 119 28.71 -11.95 -17.45
C HIS D 119 28.22 -10.61 -17.94
N GLY D 120 28.53 -10.30 -19.17
CA GLY D 120 28.12 -9.03 -19.72
C GLY D 120 26.65 -8.65 -19.70
N THR D 121 25.75 -9.63 -19.71
CA THR D 121 24.33 -9.26 -19.72
C THR D 121 23.87 -8.73 -18.37
N PHE D 122 24.55 -9.15 -17.31
CA PHE D 122 24.22 -8.73 -15.95
C PHE D 122 25.22 -7.70 -15.40
N SER D 123 26.39 -7.59 -16.03
CA SER D 123 27.45 -6.72 -15.53
C SER D 123 27.63 -5.41 -16.22
N SER D 124 28.07 -4.42 -15.44
CA SER D 124 28.34 -3.07 -15.91
C SER D 124 29.58 -2.60 -15.13
N TYR D 125 30.65 -2.27 -15.86
CA TYR D 125 31.89 -1.87 -15.22
C TYR D 125 32.68 -0.78 -15.94
N GLU D 126 32.61 0.44 -15.40
CA GLU D 126 33.32 1.62 -15.90
C GLU D 126 34.13 2.11 -14.68
N PRO D 127 35.29 1.46 -14.38
CA PRO D 127 36.14 1.81 -13.25
C PRO D 127 36.54 3.28 -13.11
N GLU D 128 36.52 4.02 -14.21
CA GLU D 128 36.84 5.44 -14.22
C GLU D 128 35.67 6.24 -13.64
N LEU D 129 34.46 5.75 -13.85
CA LEU D 129 33.24 6.39 -13.37
C LEU D 129 32.99 5.97 -11.94
N PHE D 130 33.08 4.67 -11.71
CA PHE D 130 32.85 4.09 -10.39
C PHE D 130 33.75 2.83 -10.31
N PRO D 131 34.55 2.72 -9.23
CA PRO D 131 35.45 1.59 -9.04
C PRO D 131 34.86 0.19 -8.79
N GLY D 132 33.55 0.08 -8.62
CA GLY D 132 32.98 -1.23 -8.38
C GLY D 132 32.12 -1.76 -9.52
N LEU D 133 32.09 -3.08 -9.68
CA LEU D 133 31.26 -3.71 -10.73
C LEU D 133 29.80 -3.83 -10.27
N ILE D 134 28.89 -3.41 -11.15
CA ILE D 134 27.47 -3.44 -10.91
C ILE D 134 26.84 -4.65 -11.57
N TYR D 135 26.51 -5.64 -10.74
CA TYR D 135 25.91 -6.90 -11.15
C TYR D 135 24.42 -6.90 -10.85
N ARG D 136 23.61 -7.01 -11.91
CA ARG D 136 22.16 -7.03 -11.79
C ARG D 136 21.64 -8.47 -11.89
N MET D 137 21.39 -9.06 -10.72
CA MET D 137 20.89 -10.43 -10.60
C MET D 137 19.42 -10.54 -10.93
N VAL D 138 19.04 -11.63 -11.61
CA VAL D 138 17.65 -11.85 -12.04
C VAL D 138 16.76 -12.43 -10.98
N LYS D 139 17.17 -13.56 -10.41
CA LYS D 139 16.40 -14.22 -9.36
C LYS D 139 17.34 -14.63 -8.24
N PRO D 140 17.23 -13.97 -7.05
CA PRO D 140 16.28 -12.87 -6.74
C PRO D 140 16.71 -11.59 -7.47
N LYS D 141 15.78 -10.65 -7.66
CA LYS D 141 16.08 -9.37 -8.31
C LYS D 141 16.86 -8.50 -7.31
N ILE D 142 18.19 -8.58 -7.38
CA ILE D 142 19.09 -7.89 -6.46
C ILE D 142 20.21 -7.27 -7.24
N VAL D 143 20.67 -6.10 -6.81
CA VAL D 143 21.81 -5.44 -7.45
C VAL D 143 22.99 -5.58 -6.52
N LEU D 144 24.11 -6.05 -7.04
CA LEU D 144 25.29 -6.21 -6.23
C LEU D 144 26.40 -5.29 -6.76
N LEU D 145 27.18 -4.70 -5.86
CA LEU D 145 28.31 -3.83 -6.21
C LEU D 145 29.51 -4.70 -5.81
N ILE D 146 30.35 -5.07 -6.77
CA ILE D 146 31.48 -5.96 -6.47
C ILE D 146 32.78 -5.18 -6.57
N PHE D 147 33.58 -5.25 -5.50
CA PHE D 147 34.84 -4.52 -5.44
C PHE D 147 36.10 -5.38 -5.51
N VAL D 148 37.13 -4.87 -6.17
CA VAL D 148 38.40 -5.57 -6.27
C VAL D 148 38.86 -6.09 -4.92
N SER D 149 38.59 -5.35 -3.85
CA SER D 149 39.00 -5.76 -2.50
C SER D 149 38.36 -7.04 -1.95
N GLY D 150 37.25 -7.45 -2.54
CA GLY D 150 36.55 -8.62 -2.03
C GLY D 150 35.38 -8.19 -1.13
N LYS D 151 35.12 -6.88 -1.10
CA LYS D 151 34.01 -6.32 -0.34
C LYS D 151 32.84 -6.27 -1.31
N ILE D 152 31.67 -6.71 -0.84
CA ILE D 152 30.46 -6.77 -1.65
C ILE D 152 29.32 -5.99 -0.99
N VAL D 153 28.52 -5.34 -1.81
CA VAL D 153 27.35 -4.61 -1.32
C VAL D 153 26.17 -5.20 -2.07
N LEU D 154 25.10 -5.56 -1.36
CA LEU D 154 23.93 -6.12 -2.01
C LEU D 154 22.74 -5.22 -1.65
N THR D 155 21.90 -4.87 -2.62
CA THR D 155 20.78 -3.98 -2.34
C THR D 155 19.56 -4.21 -3.23
N GLY D 156 18.45 -3.59 -2.87
CA GLY D 156 17.23 -3.73 -3.66
C GLY D 156 16.26 -4.78 -3.15
N ALA D 157 16.56 -5.37 -1.98
CA ALA D 157 15.73 -6.40 -1.38
C ALA D 157 14.51 -5.88 -0.62
N LYS D 158 13.45 -6.70 -0.59
CA LYS D 158 12.21 -6.43 0.13
C LYS D 158 12.14 -7.38 1.33
N GLN D 159 12.95 -8.44 1.30
CA GLN D 159 13.02 -9.44 2.36
C GLN D 159 14.49 -9.80 2.59
N ARG D 160 14.90 -9.97 3.84
CA ARG D 160 16.30 -10.32 4.14
C ARG D 160 16.74 -11.65 3.53
N GLU D 161 15.78 -12.50 3.21
CA GLU D 161 16.06 -13.81 2.58
C GLU D 161 16.70 -13.62 1.21
N GLU D 162 16.25 -12.57 0.52
CA GLU D 162 16.75 -12.20 -0.79
C GLU D 162 18.21 -11.77 -0.77
N ILE D 163 18.62 -11.10 0.31
CA ILE D 163 20.01 -10.66 0.44
C ILE D 163 20.88 -11.90 0.61
N TYR D 164 20.39 -12.85 1.42
CA TYR D 164 21.12 -14.08 1.69
C TYR D 164 21.19 -14.96 0.44
N GLN D 165 20.07 -15.08 -0.26
CA GLN D 165 20.00 -15.86 -1.48
C GLN D 165 20.98 -15.29 -2.48
N ALA D 166 20.91 -13.98 -2.66
CA ALA D 166 21.77 -13.24 -3.60
C ALA D 166 23.22 -13.60 -3.38
N PHE D 167 23.64 -13.54 -2.12
CA PHE D 167 25.02 -13.84 -1.80
C PHE D 167 25.39 -15.28 -2.09
N GLU D 168 24.47 -16.20 -1.88
CA GLU D 168 24.71 -17.61 -2.14
C GLU D 168 24.97 -17.82 -3.61
N ALA D 169 24.15 -17.20 -4.44
CA ALA D 169 24.26 -17.34 -5.88
C ALA D 169 25.52 -16.72 -6.48
N ILE D 170 26.00 -15.64 -5.91
CA ILE D 170 27.18 -14.94 -6.42
C ILE D 170 28.53 -15.51 -6.01
N TYR D 171 28.63 -16.08 -4.81
CA TYR D 171 29.91 -16.64 -4.35
C TYR D 171 30.56 -17.58 -5.38
N PRO D 172 29.77 -18.39 -6.14
CA PRO D 172 30.42 -19.26 -7.12
C PRO D 172 31.19 -18.41 -8.14
N VAL D 173 30.58 -17.31 -8.55
CA VAL D 173 31.17 -16.40 -9.53
C VAL D 173 32.37 -15.65 -8.92
N LEU D 174 32.26 -15.37 -7.62
CA LEU D 174 33.30 -14.67 -6.88
C LEU D 174 34.51 -15.56 -6.70
N SER D 175 34.26 -16.82 -6.32
CA SER D 175 35.33 -17.79 -6.11
C SER D 175 36.07 -18.06 -7.42
N GLU D 176 35.33 -17.99 -8.52
CA GLU D 176 35.91 -18.21 -9.84
C GLU D 176 36.91 -17.14 -10.20
N PHE D 177 36.53 -15.89 -10.00
CA PHE D 177 37.42 -14.79 -10.34
C PHE D 177 38.35 -14.24 -9.25
N ARG D 178 38.75 -15.15 -8.36
CA ARG D 178 39.64 -14.85 -7.24
C ARG D 178 41.05 -14.68 -7.80
N LYS D 179 41.83 -13.72 -7.30
CA LYS D 179 43.18 -13.57 -7.85
C LYS D 179 44.38 -14.28 -7.17
N MET D 180 44.42 -15.61 -7.38
CA MET D 180 45.50 -16.45 -6.88
C MET D 180 46.46 -16.55 -8.06
#